data_6CYI
#
_entry.id   6CYI
#
_cell.length_a   89.055
_cell.length_b   100.209
_cell.length_c   63.433
_cell.angle_alpha   90.0
_cell.angle_beta   90.0
_cell.angle_gamma   90.0
#
_symmetry.space_group_name_H-M   'C 2 2 21'
#
loop_
_entity.id
_entity.type
_entity.pdbx_description
1 polymer Endoplasmin
2 non-polymer 'TRIETHYLENE GLYCOL'
3 non-polymer 'TETRAETHYLENE GLYCOL'
4 non-polymer "5'-N-(2-HYDROXYL)ETHYL CARBOXYAMIDO ADENOSINE"
5 water water
#
_entity_poly.entity_id   1
_entity_poly.type   'polypeptide(L)'
_entity_poly.pdbx_seq_one_letter_code
;GSHMLREKSEKFAFQAEVNRMMKLIINSLYKNKEIFLRELISNASDALDKIRLISLTDENALAGNEELTVKIKCDKEKNL
LHVTDTGVGMTREELVKNLGTIAKSGTSEFLNKMTEAQEDGQSTSELIGQFGVGFYSAFLVADKVIVTSKHNNDTQHIWE
SDSNEFSVIADPRGNTLGRGTTITLVLKEEASDYLELDTIKNLVKKYSQFINFPIYVWSSKTETVEEPMEEEEAAKEEKE
DSDDEAAVEEEEEEKKPKTKKVEKTVWDWELMN
;
_entity_poly.pdbx_strand_id   A
#
# COMPACT_ATOMS: atom_id res chain seq x y z
N SER A 9 10.51 18.40 -4.79
CA SER A 9 11.04 18.60 -6.14
C SER A 9 9.91 18.88 -7.11
N GLU A 10 9.55 17.91 -7.95
CA GLU A 10 8.57 18.17 -9.01
C GLU A 10 7.13 17.85 -8.59
N LYS A 11 6.26 18.83 -8.81
CA LYS A 11 4.87 18.76 -8.38
C LYS A 11 3.93 18.43 -9.53
N PHE A 12 2.85 17.74 -9.20
CA PHE A 12 1.88 17.28 -10.19
C PHE A 12 0.45 17.44 -9.69
N ALA A 13 -0.46 17.78 -10.61
CA ALA A 13 -1.87 17.64 -10.29
C ALA A 13 -2.35 16.26 -10.73
N PHE A 14 -3.34 15.72 -10.03
CA PHE A 14 -3.96 14.47 -10.46
C PHE A 14 -4.78 14.67 -11.73
N GLN A 15 -4.79 13.66 -12.59
CA GLN A 15 -5.69 13.65 -13.75
C GLN A 15 -7.12 13.78 -13.23
N ALA A 16 -7.98 14.46 -13.98
CA ALA A 16 -9.35 14.69 -13.53
C ALA A 16 -10.08 13.38 -13.20
N GLU A 17 -9.92 12.37 -14.04
CA GLU A 17 -10.57 11.08 -13.82
C GLU A 17 -10.11 10.46 -12.51
N VAL A 18 -8.87 10.71 -12.11
CA VAL A 18 -8.37 10.15 -10.85
C VAL A 18 -9.01 10.85 -9.65
N ASN A 19 -9.16 12.18 -9.75
CA ASN A 19 -9.93 12.92 -8.76
C ASN A 19 -11.35 12.34 -8.62
N ARG A 20 -12.01 12.04 -9.75
CA ARG A 20 -13.34 11.44 -9.74
C ARG A 20 -13.30 10.05 -9.14
N MET A 21 -12.30 9.27 -9.55
CA MET A 21 -12.13 7.93 -9.03
C MET A 21 -11.94 7.89 -7.52
N MET A 22 -11.09 8.78 -7.01
CA MET A 22 -10.80 8.84 -5.59
C MET A 22 -12.08 9.04 -4.81
N LYS A 23 -12.91 9.98 -5.27
CA LYS A 23 -14.13 10.29 -4.56
C LYS A 23 -15.13 9.11 -4.58
N LEU A 24 -15.22 8.43 -5.73
CA LEU A 24 -16.06 7.24 -5.89
C LEU A 24 -15.67 6.15 -4.90
N ILE A 25 -14.37 5.89 -4.84
CA ILE A 25 -13.84 4.90 -3.92
C ILE A 25 -14.09 5.26 -2.48
N ILE A 26 -13.81 6.51 -2.11
CA ILE A 26 -13.99 6.98 -0.74
C ILE A 26 -15.44 6.80 -0.34
N ASN A 27 -16.35 7.28 -1.17
CA ASN A 27 -17.78 7.14 -0.85
C ASN A 27 -18.26 5.69 -0.82
N SER A 28 -17.69 4.82 -1.64
CA SER A 28 -18.06 3.42 -1.63
C SER A 28 -17.71 2.75 -0.30
N LEU A 29 -16.55 3.07 0.23
CA LEU A 29 -16.02 2.36 1.40
C LEU A 29 -16.08 3.20 2.66
N TYR A 30 -16.84 4.28 2.62
CA TYR A 30 -16.84 5.26 3.71
C TYR A 30 -17.20 4.64 5.05
N LYS A 31 -18.06 3.62 5.03
CA LYS A 31 -18.47 2.98 6.27
C LYS A 31 -17.79 1.64 6.48
N ASN A 32 -16.77 1.37 5.67
CA ASN A 32 -15.96 0.16 5.81
C ASN A 32 -14.51 0.48 5.60
N LYS A 33 -13.99 1.39 6.43
CA LYS A 33 -12.69 1.98 6.16
C LYS A 33 -11.56 0.96 6.23
N GLU A 34 -11.75 -0.08 7.03
CA GLU A 34 -10.68 -1.06 7.24
C GLU A 34 -10.23 -1.74 5.94
N ILE A 35 -11.12 -1.78 4.96
CA ILE A 35 -10.82 -2.35 3.65
C ILE A 35 -9.55 -1.73 3.02
N PHE A 36 -9.13 -0.55 3.47
CA PHE A 36 -7.92 0.06 2.89
C PHE A 36 -6.73 -0.88 3.03
N LEU A 37 -6.66 -1.62 4.13
CA LEU A 37 -5.49 -2.44 4.40
C LEU A 37 -5.54 -3.69 3.53
N ARG A 38 -6.74 -4.21 3.30
CA ARG A 38 -6.93 -5.33 2.39
C ARG A 38 -6.35 -5.01 1.01
N GLU A 39 -6.64 -3.81 0.53
CA GLU A 39 -6.19 -3.39 -0.80
C GLU A 39 -4.68 -3.14 -0.87
N LEU A 40 -4.11 -2.52 0.16
CA LEU A 40 -2.66 -2.35 0.18
C LEU A 40 -1.96 -3.72 0.19
N ILE A 41 -2.50 -4.64 0.97
CA ILE A 41 -1.96 -6.00 1.01
C ILE A 41 -2.12 -6.71 -0.34
N SER A 42 -3.26 -6.51 -1.00
N SER A 42 -3.26 -6.51 -1.00
CA SER A 42 -3.48 -7.13 -2.31
CA SER A 42 -3.51 -7.10 -2.30
C SER A 42 -2.52 -6.56 -3.34
C SER A 42 -2.51 -6.55 -3.32
N ASN A 43 -2.25 -5.26 -3.24
CA ASN A 43 -1.31 -4.64 -4.18
C ASN A 43 0.10 -5.14 -3.98
N ALA A 44 0.51 -5.27 -2.71
CA ALA A 44 1.82 -5.80 -2.38
C ALA A 44 1.94 -7.23 -2.89
N SER A 45 0.87 -8.02 -2.75
CA SER A 45 0.84 -9.40 -3.27
C SER A 45 1.08 -9.41 -4.78
N ASP A 46 0.35 -8.56 -5.49
CA ASP A 46 0.52 -8.41 -6.94
C ASP A 46 1.97 -8.06 -7.33
N ALA A 47 2.60 -7.17 -6.56
CA ALA A 47 3.97 -6.73 -6.86
C ALA A 47 4.95 -7.88 -6.64
N LEU A 48 4.68 -8.68 -5.61
CA LEU A 48 5.50 -9.85 -5.32
C LEU A 48 5.32 -10.92 -6.40
N ASP A 49 4.07 -11.16 -6.76
CA ASP A 49 3.75 -12.05 -7.90
C ASP A 49 4.56 -11.65 -9.12
N LYS A 50 4.70 -10.33 -9.34
CA LYS A 50 5.33 -9.85 -10.56
C LYS A 50 6.83 -10.10 -10.57
N ILE A 51 7.51 -9.83 -9.46
CA ILE A 51 8.95 -10.07 -9.43
C ILE A 51 9.21 -11.59 -9.41
N ARG A 52 8.30 -12.36 -8.81
CA ARG A 52 8.46 -13.81 -8.82
C ARG A 52 8.43 -14.30 -10.26
N LEU A 53 7.57 -13.71 -11.09
CA LEU A 53 7.46 -14.15 -12.49
C LEU A 53 8.65 -13.65 -13.30
N ILE A 54 9.14 -12.46 -12.97
CA ILE A 54 10.29 -11.92 -13.66
C ILE A 54 11.50 -12.81 -13.41
N SER A 55 11.53 -13.47 -12.24
CA SER A 55 12.70 -14.24 -11.84
C SER A 55 12.79 -15.53 -12.63
N LEU A 56 11.68 -15.91 -13.25
CA LEU A 56 11.70 -17.06 -14.16
C LEU A 56 12.52 -16.72 -15.40
N THR A 57 12.49 -15.46 -15.81
CA THR A 57 13.21 -15.04 -17.01
C THR A 57 14.54 -14.35 -16.73
N ASP A 58 14.66 -13.72 -15.56
CA ASP A 58 15.86 -12.96 -15.20
C ASP A 58 16.57 -13.62 -14.02
N GLU A 59 17.72 -14.21 -14.30
CA GLU A 59 18.51 -14.90 -13.28
C GLU A 59 19.01 -13.95 -12.18
N ASN A 60 19.04 -12.66 -12.48
CA ASN A 60 19.53 -11.68 -11.50
C ASN A 60 18.43 -10.76 -10.96
N ALA A 61 17.17 -11.15 -11.15
CA ALA A 61 16.06 -10.27 -10.83
C ALA A 61 15.91 -10.03 -9.34
N LEU A 62 16.40 -10.94 -8.51
CA LEU A 62 16.23 -10.80 -7.06
C LEU A 62 17.50 -10.31 -6.34
N ALA A 63 18.48 -9.84 -7.12
CA ALA A 63 19.81 -9.55 -6.59
C ALA A 63 19.81 -8.37 -5.61
N GLY A 64 18.80 -7.50 -5.71
CA GLY A 64 18.74 -6.31 -4.88
C GLY A 64 18.21 -6.59 -3.49
N ASN A 65 17.56 -7.73 -3.33
CA ASN A 65 16.90 -8.14 -2.10
C ASN A 65 16.33 -9.54 -2.27
N GLU A 66 16.94 -10.51 -1.59
CA GLU A 66 16.64 -11.91 -1.86
C GLU A 66 15.32 -12.38 -1.25
N GLU A 67 14.72 -11.57 -0.40
CA GLU A 67 13.47 -11.93 0.27
C GLU A 67 12.23 -11.62 -0.56
N LEU A 68 11.16 -12.35 -0.29
CA LEU A 68 9.86 -12.08 -0.90
C LEU A 68 8.79 -12.05 0.18
N THR A 69 8.67 -10.89 0.83
CA THR A 69 7.76 -10.73 1.97
C THR A 69 6.96 -9.44 1.95
N VAL A 70 5.86 -9.42 2.70
CA VAL A 70 5.18 -8.19 3.14
C VAL A 70 5.45 -7.93 4.62
N LYS A 71 5.84 -6.71 4.98
CA LYS A 71 6.14 -6.39 6.37
C LYS A 71 5.46 -5.11 6.82
N ILE A 72 4.72 -5.20 7.91
CA ILE A 72 3.88 -4.11 8.38
C ILE A 72 4.30 -3.63 9.78
N LYS A 73 4.43 -2.32 9.94
CA LYS A 73 4.93 -1.75 11.18
C LYS A 73 4.03 -0.59 11.66
N CYS A 74 3.78 -0.55 12.97
CA CYS A 74 3.09 0.58 13.57
C CYS A 74 4.09 1.47 14.31
N ASP A 75 3.92 2.77 14.17
CA ASP A 75 4.75 3.73 14.91
C ASP A 75 3.85 4.73 15.63
N LYS A 76 3.32 4.32 16.79
CA LYS A 76 2.38 5.14 17.53
C LYS A 76 2.94 6.52 17.77
N GLU A 77 4.20 6.56 18.17
CA GLU A 77 4.86 7.81 18.54
C GLU A 77 4.93 8.79 17.39
N LYS A 78 4.92 8.29 16.15
CA LYS A 78 5.01 9.19 15.00
C LYS A 78 3.70 9.25 14.21
N ASN A 79 2.70 8.53 14.70
CA ASN A 79 1.41 8.48 14.04
C ASN A 79 1.51 7.93 12.61
N LEU A 80 2.33 6.89 12.42
CA LEU A 80 2.55 6.33 11.08
C LEU A 80 2.21 4.86 11.02
N LEU A 81 1.75 4.42 9.85
CA LEU A 81 1.59 3.01 9.56
C LEU A 81 2.37 2.73 8.27
N HIS A 82 3.20 1.69 8.29
CA HIS A 82 4.02 1.35 7.13
C HIS A 82 3.64 -0.04 6.60
N VAL A 83 3.47 -0.15 5.28
CA VAL A 83 3.24 -1.46 4.64
C VAL A 83 4.31 -1.64 3.59
N THR A 84 5.24 -2.56 3.85
CA THR A 84 6.40 -2.70 2.98
C THR A 84 6.44 -4.07 2.33
N ASP A 85 6.64 -4.09 1.01
CA ASP A 85 6.86 -5.35 0.30
C ASP A 85 8.21 -5.32 -0.42
N THR A 86 8.71 -6.51 -0.76
CA THR A 86 9.92 -6.66 -1.55
C THR A 86 9.55 -7.16 -2.95
N GLY A 87 8.42 -6.65 -3.46
CA GLY A 87 7.95 -6.99 -4.79
C GLY A 87 8.72 -6.20 -5.85
N VAL A 88 8.11 -6.05 -7.02
CA VAL A 88 8.81 -5.48 -8.18
C VAL A 88 9.21 -4.00 -8.01
N GLY A 89 8.47 -3.23 -7.21
CA GLY A 89 8.76 -1.82 -7.08
C GLY A 89 8.26 -1.04 -8.29
N MET A 90 8.51 0.27 -8.25
CA MET A 90 8.09 1.21 -9.29
C MET A 90 9.21 2.19 -9.62
N THR A 91 9.46 2.39 -10.90
CA THR A 91 10.36 3.45 -11.35
C THR A 91 9.74 4.81 -11.13
N ARG A 92 10.55 5.84 -11.25
CA ARG A 92 10.03 7.20 -11.11
C ARG A 92 8.87 7.45 -12.04
N GLU A 93 9.03 7.07 -13.30
CA GLU A 93 7.99 7.25 -14.30
C GLU A 93 6.71 6.51 -13.90
N GLU A 94 6.86 5.33 -13.30
CA GLU A 94 5.71 4.55 -12.88
C GLU A 94 4.98 5.17 -11.68
N LEU A 95 5.71 5.76 -10.74
CA LEU A 95 5.09 6.47 -9.62
C LEU A 95 4.18 7.58 -10.11
N VAL A 96 4.67 8.31 -11.12
CA VAL A 96 3.94 9.43 -11.67
C VAL A 96 2.71 8.98 -12.46
N LYS A 97 2.92 8.05 -13.39
CA LYS A 97 1.84 7.63 -14.28
C LYS A 97 0.83 6.70 -13.61
N ASN A 98 1.31 5.70 -12.88
CA ASN A 98 0.42 4.71 -12.26
C ASN A 98 -0.44 5.30 -11.15
N LEU A 99 0.14 6.20 -10.34
CA LEU A 99 -0.59 6.77 -9.21
C LEU A 99 -1.31 8.07 -9.59
N GLY A 100 -0.82 8.78 -10.60
CA GLY A 100 -1.37 10.09 -10.93
C GLY A 100 -2.34 10.14 -12.10
N THR A 101 -2.38 9.07 -12.89
CA THR A 101 -3.27 9.00 -14.04
C THR A 101 -4.03 7.68 -14.13
N ILE A 102 -4.96 7.62 -15.08
CA ILE A 102 -5.57 6.37 -15.47
C ILE A 102 -4.61 5.71 -16.45
N ALA A 103 -3.74 4.86 -15.91
CA ALA A 103 -2.64 4.32 -16.68
C ALA A 103 -3.07 3.09 -17.45
N LYS A 104 -3.43 2.04 -16.72
CA LYS A 104 -3.76 0.74 -17.32
C LYS A 104 -5.04 0.79 -18.14
N SER A 105 -5.15 -0.14 -19.10
CA SER A 105 -6.28 -0.19 -20.01
C SER A 105 -7.60 -0.48 -19.30
N GLY A 106 -7.52 -1.31 -18.27
CA GLY A 106 -8.71 -1.72 -17.53
C GLY A 106 -9.26 -0.67 -16.59
N THR A 107 -8.39 0.20 -16.10
CA THR A 107 -8.77 1.21 -15.12
C THR A 107 -9.91 2.11 -15.60
N SER A 108 -9.89 2.46 -16.88
CA SER A 108 -10.92 3.34 -17.43
C SER A 108 -12.29 2.67 -17.39
N GLU A 109 -12.32 1.34 -17.49
CA GLU A 109 -13.56 0.58 -17.41
C GLU A 109 -14.14 0.65 -16.00
N PHE A 110 -13.25 0.79 -15.00
CA PHE A 110 -13.67 0.86 -13.59
C PHE A 110 -14.63 2.00 -13.37
N LEU A 111 -14.31 3.15 -13.94
CA LEU A 111 -15.11 4.34 -13.69
C LEU A 111 -16.53 4.18 -14.17
N ASN A 112 -16.67 3.61 -15.37
CA ASN A 112 -17.98 3.38 -15.92
C ASN A 112 -18.72 2.29 -15.16
N LYS A 113 -18.05 1.18 -14.89
CA LYS A 113 -18.69 0.08 -14.16
C LYS A 113 -19.09 0.51 -12.75
N MET A 114 -18.27 1.36 -12.13
CA MET A 114 -18.54 1.85 -10.79
C MET A 114 -19.83 2.65 -10.75
N THR A 115 -20.08 3.43 -11.81
CA THR A 115 -21.23 4.32 -11.84
C THR A 115 -22.50 3.54 -12.16
N GLU A 116 -22.38 2.63 -13.11
CA GLU A 116 -23.48 1.76 -13.51
C GLU A 116 -23.88 0.83 -12.36
N ALA A 117 -22.91 0.53 -11.49
CA ALA A 117 -23.20 -0.28 -10.30
C ALA A 117 -24.00 0.53 -9.29
N GLN A 118 -23.52 1.73 -8.97
CA GLN A 118 -24.14 2.57 -7.95
C GLN A 118 -25.54 3.02 -8.32
N GLU A 119 -25.87 2.92 -9.60
CA GLU A 119 -27.21 3.26 -10.06
C GLU A 119 -28.10 2.03 -9.96
N ASP A 120 -27.59 0.88 -10.40
CA ASP A 120 -28.34 -0.37 -10.39
C ASP A 120 -28.37 -1.03 -9.01
N GLY A 121 -27.76 -0.40 -8.02
CA GLY A 121 -27.73 -0.92 -6.67
C GLY A 121 -27.02 -2.26 -6.53
N GLN A 122 -25.88 -2.40 -7.20
CA GLN A 122 -25.03 -3.57 -7.05
C GLN A 122 -23.88 -3.24 -6.11
N SER A 123 -23.27 -4.25 -5.49
CA SER A 123 -22.17 -4.01 -4.56
C SER A 123 -20.95 -3.48 -5.33
N THR A 124 -20.15 -2.62 -4.71
CA THR A 124 -19.07 -1.98 -5.43
C THR A 124 -17.68 -2.29 -4.89
N SER A 125 -17.58 -2.81 -3.67
CA SER A 125 -16.27 -3.06 -3.10
C SER A 125 -15.54 -4.17 -3.84
N GLU A 126 -16.30 -5.08 -4.45
CA GLU A 126 -15.71 -6.13 -5.28
C GLU A 126 -15.11 -5.51 -6.54
N LEU A 127 -15.74 -4.46 -7.04
CA LEU A 127 -15.24 -3.78 -8.25
C LEU A 127 -13.87 -3.13 -7.98
N ILE A 128 -13.76 -2.49 -6.82
CA ILE A 128 -12.50 -1.88 -6.42
C ILE A 128 -11.40 -2.94 -6.38
N GLY A 129 -11.68 -4.07 -5.74
CA GLY A 129 -10.73 -5.16 -5.65
C GLY A 129 -10.40 -5.77 -7.00
N GLN A 130 -11.43 -6.02 -7.81
CA GLN A 130 -11.27 -6.63 -9.12
C GLN A 130 -10.38 -5.80 -10.04
N PHE A 131 -10.62 -4.50 -10.07
CA PHE A 131 -9.87 -3.60 -10.94
C PHE A 131 -8.56 -3.11 -10.31
N GLY A 132 -8.31 -3.51 -9.07
CA GLY A 132 -7.08 -3.18 -8.38
C GLY A 132 -6.82 -1.69 -8.21
N VAL A 133 -7.87 -0.92 -7.94
CA VAL A 133 -7.73 0.52 -7.74
C VAL A 133 -7.86 0.92 -6.27
N GLY A 134 -7.63 -0.03 -5.36
CA GLY A 134 -7.81 0.20 -3.94
C GLY A 134 -6.82 1.12 -3.23
N PHE A 135 -5.70 1.43 -3.88
CA PHE A 135 -4.69 2.30 -3.30
C PHE A 135 -5.29 3.60 -2.74
N TYR A 136 -6.20 4.22 -3.47
CA TYR A 136 -6.78 5.49 -3.05
C TYR A 136 -7.66 5.40 -1.80
N SER A 137 -8.10 4.20 -1.44
CA SER A 137 -8.86 4.05 -0.19
C SER A 137 -8.01 4.39 1.04
N ALA A 138 -6.69 4.43 0.88
CA ALA A 138 -5.82 4.89 1.95
C ALA A 138 -6.26 6.25 2.52
N PHE A 139 -6.83 7.11 1.67
CA PHE A 139 -7.24 8.46 2.09
C PHE A 139 -8.45 8.46 3.00
N LEU A 140 -9.10 7.31 3.14
CA LEU A 140 -10.14 7.16 4.15
C LEU A 140 -9.57 7.27 5.56
N VAL A 141 -8.33 6.85 5.76
CA VAL A 141 -7.75 6.84 7.10
C VAL A 141 -6.48 7.69 7.21
N ALA A 142 -6.00 8.23 6.09
CA ALA A 142 -4.74 8.97 6.13
C ALA A 142 -4.87 10.40 5.63
N ASP A 143 -4.20 11.31 6.30
CA ASP A 143 -4.15 12.70 5.85
C ASP A 143 -3.08 12.86 4.77
N LYS A 144 -2.10 11.98 4.81
CA LYS A 144 -0.98 11.99 3.87
C LYS A 144 -0.58 10.56 3.52
N VAL A 145 -0.34 10.33 2.23
CA VAL A 145 0.12 9.01 1.81
C VAL A 145 1.50 9.16 1.20
N ILE A 146 2.42 8.35 1.67
CA ILE A 146 3.79 8.44 1.18
C ILE A 146 4.20 7.09 0.61
N VAL A 147 4.71 7.10 -0.61
CA VAL A 147 5.12 5.85 -1.27
C VAL A 147 6.62 5.90 -1.58
N THR A 148 7.38 5.03 -0.94
CA THR A 148 8.79 4.95 -1.23
C THR A 148 9.00 3.68 -2.02
N SER A 149 9.67 3.75 -3.16
CA SER A 149 9.77 2.60 -4.04
C SER A 149 11.11 2.48 -4.76
N LYS A 150 11.60 1.24 -4.85
CA LYS A 150 12.83 0.93 -5.58
C LYS A 150 12.60 -0.22 -6.56
N HIS A 151 12.80 0.07 -7.83
CA HIS A 151 12.65 -0.86 -8.94
C HIS A 151 14.05 -1.15 -9.50
N ASN A 152 14.29 -2.39 -9.94
CA ASN A 152 15.59 -2.77 -10.49
C ASN A 152 16.10 -1.84 -11.59
N ASN A 153 15.19 -1.20 -12.30
CA ASN A 153 15.59 -0.34 -13.41
C ASN A 153 15.63 1.14 -13.08
N ASP A 154 15.58 1.50 -11.80
CA ASP A 154 15.64 2.92 -11.44
C ASP A 154 16.18 3.15 -10.03
N THR A 155 16.49 4.40 -9.71
CA THR A 155 16.92 4.74 -8.37
C THR A 155 15.70 4.80 -7.45
N GLN A 156 15.94 4.81 -6.14
CA GLN A 156 14.85 4.89 -5.18
C GLN A 156 14.20 6.27 -5.18
N HIS A 157 12.86 6.30 -5.13
CA HIS A 157 12.14 7.55 -5.22
C HIS A 157 11.05 7.62 -4.17
N ILE A 158 10.57 8.83 -3.92
CA ILE A 158 9.47 9.07 -2.99
C ILE A 158 8.34 9.86 -3.65
N TRP A 159 7.15 9.28 -3.63
CA TRP A 159 5.89 9.91 -4.05
C TRP A 159 5.12 10.32 -2.80
N GLU A 160 4.54 11.52 -2.80
CA GLU A 160 3.79 11.94 -1.61
C GLU A 160 2.59 12.80 -2.01
N SER A 161 1.50 12.66 -1.27
CA SER A 161 0.26 13.35 -1.61
C SER A 161 -0.67 13.48 -0.41
N ASP A 162 -1.36 14.61 -0.33
CA ASP A 162 -2.48 14.77 0.59
C ASP A 162 -3.83 14.64 -0.13
N SER A 163 -3.76 14.21 -1.40
CA SER A 163 -4.86 14.00 -2.37
C SER A 163 -5.24 15.26 -3.17
N ASN A 164 -4.66 16.41 -2.83
CA ASN A 164 -4.97 17.65 -3.54
C ASN A 164 -3.94 18.00 -4.61
N GLU A 165 -2.92 17.14 -4.70
CA GLU A 165 -1.76 17.28 -5.58
C GLU A 165 -0.84 16.14 -5.18
N PHE A 166 0.22 15.92 -5.94
CA PHE A 166 1.27 15.02 -5.47
C PHE A 166 2.62 15.50 -5.94
N SER A 167 3.68 14.94 -5.36
CA SER A 167 5.03 15.28 -5.79
C SER A 167 5.93 14.05 -5.75
N VAL A 168 6.95 14.08 -6.60
CA VAL A 168 7.93 13.02 -6.66
C VAL A 168 9.35 13.55 -6.52
N ILE A 169 10.12 12.91 -5.64
CA ILE A 169 11.51 13.30 -5.43
C ILE A 169 12.38 12.06 -5.45
N ALA A 170 13.63 12.21 -5.90
CA ALA A 170 14.59 11.14 -5.70
C ALA A 170 14.82 11.04 -4.20
N ASP A 171 14.94 9.82 -3.69
CA ASP A 171 15.16 9.61 -2.27
C ASP A 171 16.59 10.03 -1.92
N PRO A 172 16.75 11.04 -1.05
CA PRO A 172 18.12 11.46 -0.67
C PRO A 172 18.86 10.40 0.17
N ARG A 173 18.13 9.43 0.71
CA ARG A 173 18.73 8.36 1.52
C ARG A 173 19.36 7.27 0.66
N GLY A 174 19.29 7.41 -0.66
CA GLY A 174 19.77 6.38 -1.56
C GLY A 174 18.88 5.16 -1.61
N ASN A 175 19.48 4.00 -1.90
CA ASN A 175 18.77 2.73 -1.98
C ASN A 175 18.72 2.01 -0.63
N THR A 176 17.67 2.26 0.15
CA THR A 176 17.49 1.59 1.43
C THR A 176 16.59 0.35 1.38
N LEU A 177 15.71 0.29 0.37
CA LEU A 177 14.79 -0.84 0.26
C LEU A 177 15.45 -2.07 -0.35
N GLY A 178 16.42 -1.85 -1.23
CA GLY A 178 16.99 -2.93 -2.03
C GLY A 178 16.11 -3.17 -3.23
N ARG A 179 14.90 -3.66 -2.97
CA ARG A 179 13.86 -3.75 -4.01
C ARG A 179 12.50 -3.77 -3.32
N GLY A 180 11.53 -3.06 -3.87
CA GLY A 180 10.20 -3.13 -3.33
C GLY A 180 9.62 -1.76 -3.01
N THR A 181 8.61 -1.73 -2.16
CA THR A 181 7.83 -0.50 -1.96
C THR A 181 7.39 -0.39 -0.52
N THR A 182 7.49 0.81 0.05
CA THR A 182 6.84 1.13 1.31
C THR A 182 5.69 2.14 1.13
N ILE A 183 4.51 1.75 1.60
CA ILE A 183 3.39 2.67 1.73
C ILE A 183 3.37 3.19 3.17
N THR A 184 3.54 4.49 3.34
CA THR A 184 3.51 5.10 4.67
C THR A 184 2.27 5.96 4.80
N LEU A 185 1.45 5.66 5.81
CA LEU A 185 0.24 6.43 6.07
C LEU A 185 0.39 7.33 7.29
N VAL A 186 0.23 8.62 7.08
CA VAL A 186 0.12 9.58 8.17
C VAL A 186 -1.34 9.62 8.61
N LEU A 187 -1.65 8.94 9.71
CA LEU A 187 -3.03 8.63 10.04
C LEU A 187 -3.81 9.84 10.54
N LYS A 188 -5.10 9.88 10.18
CA LYS A 188 -6.01 10.88 10.72
C LYS A 188 -6.16 10.67 12.23
N GLU A 189 -6.55 11.73 12.94
CA GLU A 189 -6.79 11.64 14.38
C GLU A 189 -7.83 10.57 14.67
N GLU A 190 -8.87 10.52 13.85
CA GLU A 190 -9.97 9.56 13.99
C GLU A 190 -9.52 8.11 13.73
N ALA A 191 -8.32 7.94 13.19
CA ALA A 191 -7.85 6.64 12.72
C ALA A 191 -6.73 6.05 13.57
N SER A 192 -6.54 6.63 14.75
CA SER A 192 -5.42 6.26 15.61
C SER A 192 -5.48 4.81 16.09
N ASP A 193 -6.66 4.18 16.02
CA ASP A 193 -6.80 2.81 16.46
C ASP A 193 -6.01 1.86 15.57
N TYR A 194 -5.69 2.30 14.35
CA TYR A 194 -4.87 1.51 13.43
C TYR A 194 -3.40 1.56 13.82
N LEU A 195 -3.10 2.23 14.92
CA LEU A 195 -1.74 2.28 15.45
C LEU A 195 -1.57 1.24 16.55
N GLU A 196 -2.68 0.61 16.92
CA GLU A 196 -2.65 -0.39 17.98
C GLU A 196 -2.32 -1.75 17.39
N LEU A 197 -1.31 -2.40 17.95
CA LEU A 197 -0.84 -3.71 17.48
C LEU A 197 -1.96 -4.75 17.39
N ASP A 198 -2.80 -4.81 18.42
CA ASP A 198 -3.88 -5.79 18.45
C ASP A 198 -4.84 -5.58 17.28
N THR A 199 -5.14 -4.33 16.96
CA THR A 199 -6.04 -4.03 15.85
C THR A 199 -5.44 -4.43 14.50
N ILE A 200 -4.17 -4.08 14.30
CA ILE A 200 -3.49 -4.35 13.05
C ILE A 200 -3.31 -5.84 12.83
N LYS A 201 -2.86 -6.55 13.86
CA LYS A 201 -2.67 -7.99 13.76
C LYS A 201 -3.97 -8.69 13.37
N ASN A 202 -5.08 -8.27 13.96
CA ASN A 202 -6.38 -8.85 13.61
C ASN A 202 -6.76 -8.61 12.16
N LEU A 203 -6.48 -7.41 11.65
CA LEU A 203 -6.83 -7.05 10.28
C LEU A 203 -5.93 -7.72 9.24
N VAL A 204 -4.64 -7.81 9.54
CA VAL A 204 -3.68 -8.43 8.63
C VAL A 204 -3.98 -9.91 8.47
N LYS A 205 -4.30 -10.56 9.58
CA LYS A 205 -4.69 -11.97 9.57
C LYS A 205 -5.97 -12.18 8.75
N LYS A 206 -6.92 -11.26 8.85
CA LYS A 206 -8.17 -11.42 8.11
C LYS A 206 -8.00 -11.26 6.60
N TYR A 207 -7.02 -10.47 6.18
CA TYR A 207 -6.87 -10.14 4.77
C TYR A 207 -5.71 -10.85 4.06
N SER A 208 -4.90 -11.60 4.80
CA SER A 208 -3.72 -12.22 4.22
C SER A 208 -3.82 -13.74 4.16
N GLN A 209 -4.91 -14.29 4.65
CA GLN A 209 -5.06 -15.74 4.67
C GLN A 209 -5.10 -16.29 3.25
N PHE A 210 -5.53 -15.46 2.30
CA PHE A 210 -5.67 -15.86 0.91
C PHE A 210 -4.46 -15.46 0.07
N ILE A 211 -3.50 -14.78 0.69
CA ILE A 211 -2.30 -14.32 0.01
C ILE A 211 -1.25 -15.43 -0.03
N ASN A 212 -0.54 -15.55 -1.14
CA ASN A 212 0.42 -16.62 -1.31
C ASN A 212 1.85 -16.17 -1.01
N PHE A 213 1.99 -15.30 -0.02
CA PHE A 213 3.28 -14.83 0.46
C PHE A 213 3.25 -14.62 1.98
N PRO A 214 4.41 -14.73 2.65
CA PRO A 214 4.44 -14.56 4.11
C PRO A 214 4.31 -13.09 4.53
N ILE A 215 3.39 -12.79 5.44
CA ILE A 215 3.23 -11.42 5.92
C ILE A 215 3.53 -11.30 7.41
N TYR A 216 4.39 -10.34 7.75
CA TYR A 216 4.82 -10.12 9.13
C TYR A 216 4.33 -8.79 9.66
N VAL A 217 3.98 -8.79 10.95
CA VAL A 217 3.73 -7.56 11.70
C VAL A 217 4.79 -7.43 12.78
N TRP A 218 5.39 -6.24 12.87
CA TRP A 218 6.36 -5.92 13.89
C TRP A 218 5.65 -5.86 15.24
N SER A 219 5.74 -6.94 16.01
CA SER A 219 4.99 -7.04 17.26
C SER A 219 5.87 -7.06 18.51
N SER A 220 5.22 -7.00 19.66
N SER A 220 5.25 -6.96 19.68
CA SER A 220 5.92 -6.95 20.95
CA SER A 220 6.00 -6.94 20.93
C SER A 220 5.40 -7.99 21.92
C SER A 220 5.39 -7.86 22.00
N LYS A 221 6.26 -8.38 22.87
CA LYS A 221 5.84 -9.22 23.99
C LYS A 221 6.60 -8.75 25.24
N THR A 222 5.86 -8.28 26.23
CA THR A 222 6.47 -7.70 27.44
C THR A 222 6.38 -8.65 28.64
N GLU A 223 7.47 -8.77 29.39
CA GLU A 223 7.54 -9.67 30.54
C GLU A 223 7.69 -8.91 31.87
N THR A 224 7.38 -9.61 32.97
CA THR A 224 7.43 -9.07 34.34
C THR A 224 6.64 -7.77 34.47
N LYS A 261 9.49 -1.30 39.58
CA LYS A 261 9.05 -2.34 38.66
C LYS A 261 10.05 -2.52 37.52
N VAL A 262 10.20 -3.75 37.06
CA VAL A 262 11.09 -4.08 35.96
C VAL A 262 10.32 -4.76 34.83
N GLU A 263 10.49 -4.24 33.62
CA GLU A 263 9.83 -4.81 32.45
C GLU A 263 10.83 -5.15 31.35
N LYS A 264 10.54 -6.22 30.61
CA LYS A 264 11.36 -6.62 29.49
C LYS A 264 10.50 -6.80 28.25
N THR A 265 10.81 -6.07 27.20
CA THR A 265 10.01 -6.10 25.98
C THR A 265 10.79 -6.65 24.81
N VAL A 266 10.16 -7.55 24.05
CA VAL A 266 10.80 -8.21 22.92
C VAL A 266 10.14 -7.84 21.60
N TRP A 267 10.90 -7.17 20.72
CA TRP A 267 10.41 -6.77 19.40
C TRP A 267 10.90 -7.67 18.27
N ASP A 268 9.97 -8.17 17.46
CA ASP A 268 10.35 -8.90 16.25
C ASP A 268 9.18 -9.12 15.29
N TRP A 269 9.48 -9.55 14.08
CA TRP A 269 8.47 -9.83 13.07
C TRP A 269 7.63 -11.02 13.43
N GLU A 270 6.33 -10.82 13.61
CA GLU A 270 5.44 -11.93 13.89
C GLU A 270 4.67 -12.36 12.63
N LEU A 271 4.96 -13.56 12.14
CA LEU A 271 4.29 -14.08 10.96
C LEU A 271 2.77 -14.22 11.16
N MET A 272 2.00 -13.69 10.23
CA MET A 272 0.55 -13.64 10.39
C MET A 272 -0.24 -14.55 9.46
N ASN A 273 0.42 -15.21 8.50
CA ASN A 273 -0.30 -16.07 7.57
C ASN A 273 0.46 -17.34 7.20
#